data_6UX6
#
_entry.id   6UX6
#
_cell.length_a   40.509
_cell.length_b   122.127
_cell.length_c   34.585
_cell.angle_alpha   90.000
_cell.angle_beta   90.000
_cell.angle_gamma   90.000
#
_symmetry.space_group_name_H-M   'P 21 21 2'
#
loop_
_entity.id
_entity.type
_entity.pdbx_description
1 polymer Cruzipain
2 non-polymer Nalpha-[(benzyloxy)carbonyl]-N-[(2S)-1-phenyl-4-(phenylsulfonyl)butan-2-yl]-L-phenylalaninamide
3 non-polymer GLYCEROL
4 water water
#
_entity_poly.entity_id   1
_entity_poly.type   'polypeptide(L)'
_entity_poly.pdbx_seq_one_letter_code
;APAAVDWRARGAVTAVKDQGQCGSCWAFSAIGNVECQWFLAGHPLTNLSEQMLVSCDKTDSGCSGGLMNNAFEWIVQENN
GAVYTEDSYPYASGEGISPPCTTSGHTVGATITGHVELPQDEAQIAAWLAVNGPVAVAVDASSWMTYTGGVMTSCVSEQL
DHGVLLVGYNDSAAVPYWIIKNSWTTQWGEEGYIRIAKGSNQCLVKEEASSAVVG
;
_entity_poly.pdbx_strand_id   A
#
# COMPACT_ATOMS: atom_id res chain seq x y z
N ALA A 1 1.66 -23.42 -4.60
CA ALA A 1 2.01 -22.04 -4.88
C ALA A 1 3.47 -21.93 -5.34
N PRO A 2 3.77 -20.88 -6.11
CA PRO A 2 5.18 -20.62 -6.44
C PRO A 2 5.99 -20.41 -5.17
N ALA A 3 7.23 -20.93 -5.19
CA ALA A 3 8.07 -20.83 -4.01
C ALA A 3 8.47 -19.39 -3.70
N ALA A 4 8.44 -18.51 -4.70
CA ALA A 4 8.79 -17.12 -4.50
C ALA A 4 8.09 -16.27 -5.54
N VAL A 5 7.43 -15.20 -5.10
CA VAL A 5 6.76 -14.25 -5.98
C VAL A 5 7.26 -12.85 -5.64
N ASP A 6 7.50 -12.05 -6.67
CA ASP A 6 7.93 -10.66 -6.50
C ASP A 6 7.31 -9.86 -7.64
N TRP A 7 6.21 -9.17 -7.34
CA TRP A 7 5.52 -8.41 -8.37
C TRP A 7 6.27 -7.14 -8.79
N ARG A 8 7.12 -6.60 -7.93
CA ARG A 8 7.99 -5.50 -8.34
C ARG A 8 8.97 -5.95 -9.41
N ALA A 9 9.62 -7.09 -9.20
CA ALA A 9 10.58 -7.61 -10.18
C ALA A 9 9.92 -8.05 -11.46
N ARG A 10 8.60 -8.28 -11.46
CA ARG A 10 7.86 -8.53 -12.69
C ARG A 10 7.38 -7.24 -13.37
N GLY A 11 7.58 -6.09 -12.74
CA GLY A 11 7.24 -4.82 -13.36
C GLY A 11 5.83 -4.34 -13.13
N ALA A 12 5.16 -4.78 -12.08
CA ALA A 12 3.75 -4.45 -11.85
C ALA A 12 3.56 -3.48 -10.70
N VAL A 13 4.63 -2.80 -10.26
CA VAL A 13 4.56 -1.86 -9.15
C VAL A 13 5.22 -0.55 -9.58
N THR A 14 4.58 0.57 -9.22
CA THR A 14 5.13 1.88 -9.53
C THR A 14 6.33 2.19 -8.63
N ALA A 15 6.98 3.32 -8.90
CA ALA A 15 8.16 3.70 -8.15
C ALA A 15 7.81 4.01 -6.69
N VAL A 16 8.81 3.87 -5.83
CA VAL A 16 8.66 4.19 -4.41
C VAL A 16 8.44 5.69 -4.25
N LYS A 17 7.43 6.08 -3.47
CA LYS A 17 7.03 7.48 -3.34
C LYS A 17 7.55 8.08 -2.04
N ASP A 18 7.16 9.32 -1.79
CA ASP A 18 7.62 10.10 -0.64
C ASP A 18 6.43 10.72 0.08
N GLN A 19 6.02 10.12 1.20
CA GLN A 19 4.92 10.65 1.98
C GLN A 19 5.30 11.88 2.80
N GLY A 20 6.59 12.17 2.96
CA GLY A 20 6.99 13.35 3.71
C GLY A 20 6.56 13.31 5.17
N GLN A 21 6.43 14.51 5.76
CA GLN A 21 6.05 14.64 7.17
C GLN A 21 4.52 14.75 7.30
N CYS A 22 3.85 13.69 6.83
CA CYS A 22 2.40 13.64 6.85
C CYS A 22 1.97 12.22 7.18
N GLY A 23 0.94 12.09 8.01
CA GLY A 23 0.44 10.77 8.37
C GLY A 23 -0.44 10.18 7.30
N SER A 24 0.05 10.16 6.06
CA SER A 24 -0.74 9.76 4.90
C SER A 24 -0.45 8.34 4.46
N CYS A 25 0.23 7.54 5.29
CA CYS A 25 0.64 6.20 4.89
C CYS A 25 -0.53 5.40 4.32
N TRP A 26 -1.71 5.54 4.94
CA TRP A 26 -2.90 4.82 4.46
C TRP A 26 -3.22 5.16 3.01
N ALA A 27 -3.04 6.42 2.62
CA ALA A 27 -3.30 6.83 1.23
C ALA A 27 -2.32 6.16 0.28
N PHE A 28 -1.02 6.25 0.58
CA PHE A 28 0.00 5.65 -0.27
C PHE A 28 -0.20 4.14 -0.38
N SER A 29 -0.49 3.48 0.74
CA SER A 29 -0.81 2.05 0.73
C SER A 29 -1.96 1.77 -0.23
N ALA A 30 -3.12 2.40 -0.01
CA ALA A 30 -4.29 2.10 -0.82
C ALA A 30 -4.06 2.42 -2.29
N ILE A 31 -3.48 3.60 -2.57
CA ILE A 31 -3.24 4.00 -3.96
C ILE A 31 -2.27 3.04 -4.64
N GLY A 32 -1.23 2.63 -3.92
CA GLY A 32 -0.30 1.65 -4.48
C GLY A 32 -0.99 0.34 -4.83
N ASN A 33 -1.95 -0.08 -4.01
CA ASN A 33 -2.72 -1.29 -4.32
C ASN A 33 -3.55 -1.09 -5.58
N VAL A 34 -4.22 0.06 -5.71
CA VAL A 34 -5.04 0.33 -6.89
C VAL A 34 -4.16 0.40 -8.14
N GLU A 35 -2.97 1.00 -8.02
CA GLU A 35 -2.05 1.07 -9.15
C GLU A 35 -1.74 -0.33 -9.70
N CYS A 36 -1.36 -1.25 -8.82
CA CYS A 36 -0.98 -2.59 -9.26
C CYS A 36 -2.20 -3.34 -9.82
N GLN A 37 -3.32 -3.31 -9.08
CA GLN A 37 -4.50 -4.05 -9.53
C GLN A 37 -5.02 -3.50 -10.86
N TRP A 38 -4.94 -2.19 -11.06
CA TRP A 38 -5.34 -1.60 -12.33
C TRP A 38 -4.49 -2.14 -13.47
N PHE A 39 -3.17 -2.11 -13.31
CA PHE A 39 -2.28 -2.68 -14.33
C PHE A 39 -2.58 -4.15 -14.56
N LEU A 40 -2.72 -4.92 -13.47
CA LEU A 40 -2.96 -6.36 -13.61
C LEU A 40 -4.33 -6.66 -14.22
N ALA A 41 -5.25 -5.70 -14.24
CA ALA A 41 -6.55 -5.89 -14.85
C ALA A 41 -6.55 -5.63 -16.36
N GLY A 42 -5.39 -5.34 -16.94
CA GLY A 42 -5.35 -5.07 -18.37
C GLY A 42 -5.43 -3.60 -18.71
N HIS A 43 -4.68 -2.79 -17.96
CA HIS A 43 -4.58 -1.35 -18.15
C HIS A 43 -3.13 -0.97 -17.94
N PRO A 44 -2.70 0.19 -18.43
CA PRO A 44 -1.30 0.59 -18.25
C PRO A 44 -1.00 0.94 -16.80
N LEU A 45 0.27 0.73 -16.43
CA LEU A 45 0.73 1.03 -15.07
C LEU A 45 0.77 2.54 -14.86
N THR A 46 -0.12 3.04 -14.01
CA THR A 46 -0.33 4.48 -13.86
C THR A 46 -0.01 4.91 -12.43
N ASN A 47 0.57 6.10 -12.31
CA ASN A 47 0.72 6.76 -11.01
C ASN A 47 -0.60 7.44 -10.65
N LEU A 48 -1.18 7.05 -9.52
CA LEU A 48 -2.48 7.54 -9.08
C LEU A 48 -2.34 8.44 -7.86
N SER A 49 -3.45 9.09 -7.48
CA SER A 49 -3.42 10.27 -6.61
C SER A 49 -3.69 9.88 -5.15
N GLU A 50 -2.64 9.96 -4.32
CA GLU A 50 -2.84 9.91 -2.88
C GLU A 50 -3.55 11.17 -2.37
N GLN A 51 -3.25 12.32 -2.98
CA GLN A 51 -3.80 13.59 -2.50
C GLN A 51 -5.31 13.64 -2.62
N MET A 52 -5.87 13.02 -3.68
CA MET A 52 -7.32 12.86 -3.76
C MET A 52 -7.87 12.30 -2.45
N LEU A 53 -7.24 11.25 -1.94
CA LEU A 53 -7.65 10.68 -0.67
C LEU A 53 -7.36 11.62 0.48
N VAL A 54 -6.17 12.22 0.50
CA VAL A 54 -5.77 13.02 1.66
C VAL A 54 -6.70 14.21 1.82
N SER A 55 -7.03 14.89 0.71
CA SER A 55 -7.82 16.12 0.77
C SER A 55 -9.32 15.87 0.80
N CYS A 56 -9.80 14.81 0.16
CA CYS A 56 -11.22 14.64 -0.10
C CYS A 56 -11.86 13.47 0.63
N ASP A 57 -11.09 12.53 1.16
CA ASP A 57 -11.66 11.35 1.83
C ASP A 57 -11.96 11.74 3.28
N LYS A 58 -13.18 12.23 3.50
CA LYS A 58 -13.58 12.72 4.82
C LYS A 58 -14.02 11.62 5.78
N THR A 59 -13.93 10.35 5.39
CA THR A 59 -14.04 9.26 6.35
C THR A 59 -12.70 8.93 6.99
N ASP A 60 -11.63 9.57 6.53
CA ASP A 60 -10.30 9.43 7.10
C ASP A 60 -9.80 10.81 7.51
N SER A 61 -8.57 10.87 8.02
CA SER A 61 -8.07 12.07 8.70
C SER A 61 -6.83 12.66 8.03
N GLY A 62 -6.67 12.41 6.73
CA GLY A 62 -5.63 13.10 5.99
C GLY A 62 -4.25 12.83 6.57
N CYS A 63 -3.54 13.90 6.95
CA CYS A 63 -2.23 13.76 7.55
C CYS A 63 -2.28 13.26 8.99
N SER A 64 -3.46 12.93 9.51
CA SER A 64 -3.58 12.40 10.86
C SER A 64 -4.17 10.99 10.87
N GLY A 65 -3.95 10.24 9.80
CA GLY A 65 -4.20 8.81 9.80
C GLY A 65 -5.44 8.42 9.02
N GLY A 66 -5.56 7.10 8.82
CA GLY A 66 -6.71 6.54 8.13
C GLY A 66 -6.57 5.05 7.98
N LEU A 67 -7.59 4.45 7.35
CA LEU A 67 -7.64 3.01 7.10
C LEU A 67 -7.75 2.76 5.61
N MET A 68 -6.90 1.87 5.08
CA MET A 68 -6.97 1.53 3.67
C MET A 68 -8.34 0.98 3.29
N ASN A 69 -9.01 0.29 4.21
CA ASN A 69 -10.35 -0.20 3.93
C ASN A 69 -11.33 0.97 3.84
N ASN A 70 -11.14 1.99 4.67
CA ASN A 70 -11.95 3.20 4.55
C ASN A 70 -11.74 3.88 3.20
N ALA A 71 -10.49 3.96 2.75
CA ALA A 71 -10.20 4.65 1.50
C ALA A 71 -10.79 3.92 0.31
N PHE A 72 -10.72 2.58 0.30
CA PHE A 72 -11.35 1.81 -0.77
C PHE A 72 -12.85 2.04 -0.78
N GLU A 73 -13.47 2.11 0.40
CA GLU A 73 -14.91 2.32 0.48
C GLU A 73 -15.28 3.72 -0.02
N TRP A 74 -14.48 4.73 0.34
CA TRP A 74 -14.74 6.09 -0.10
C TRP A 74 -14.69 6.20 -1.62
N ILE A 75 -13.74 5.52 -2.26
CA ILE A 75 -13.61 5.57 -3.71
C ILE A 75 -14.89 5.08 -4.37
N VAL A 76 -15.37 3.91 -3.95
CA VAL A 76 -16.59 3.35 -4.53
C VAL A 76 -17.80 4.21 -4.17
N GLN A 77 -17.94 4.55 -2.89
CA GLN A 77 -19.20 5.09 -2.38
C GLN A 77 -19.32 6.60 -2.49
N GLU A 78 -18.20 7.31 -2.60
CA GLU A 78 -18.24 8.76 -2.66
C GLU A 78 -17.69 9.34 -3.95
N ASN A 79 -16.71 8.70 -4.58
CA ASN A 79 -16.08 9.23 -5.79
C ASN A 79 -16.41 8.40 -7.02
N ASN A 80 -17.56 7.73 -7.01
CA ASN A 80 -18.06 7.00 -8.18
C ASN A 80 -17.05 5.97 -8.68
N GLY A 81 -16.28 5.39 -7.77
CA GLY A 81 -15.29 4.39 -8.12
C GLY A 81 -14.03 4.92 -8.76
N ALA A 82 -13.93 6.23 -8.98
CA ALA A 82 -12.85 6.81 -9.75
C ALA A 82 -11.63 7.09 -8.87
N VAL A 83 -10.45 6.96 -9.48
CA VAL A 83 -9.18 7.33 -8.86
C VAL A 83 -8.44 8.23 -9.84
N TYR A 84 -8.07 9.42 -9.39
CA TYR A 84 -7.44 10.38 -10.29
C TYR A 84 -5.96 10.06 -10.46
N THR A 85 -5.39 10.58 -11.55
CA THR A 85 -3.96 10.42 -11.78
C THR A 85 -3.16 11.25 -10.78
N GLU A 86 -1.93 10.81 -10.54
CA GLU A 86 -1.00 11.58 -9.72
C GLU A 86 -0.73 12.94 -10.36
N ASP A 87 -0.64 12.99 -11.69
CA ASP A 87 -0.31 14.24 -12.37
C ASP A 87 -1.44 15.26 -12.24
N SER A 88 -2.69 14.84 -12.39
CA SER A 88 -3.81 15.77 -12.31
C SER A 88 -4.16 16.17 -10.89
N TYR A 89 -3.84 15.34 -9.89
CA TYR A 89 -4.05 15.65 -8.47
C TYR A 89 -2.76 15.31 -7.74
N PRO A 90 -1.75 16.18 -7.84
CA PRO A 90 -0.42 15.85 -7.32
C PRO A 90 -0.30 15.98 -5.82
N TYR A 91 0.59 15.18 -5.24
CA TYR A 91 0.82 15.20 -3.81
C TYR A 91 1.31 16.58 -3.36
N ALA A 92 0.67 17.12 -2.33
CA ALA A 92 1.03 18.45 -1.83
C ALA A 92 1.03 18.53 -0.31
N SER A 93 1.13 17.39 0.37
CA SER A 93 1.04 17.35 1.83
C SER A 93 2.36 16.95 2.50
N GLY A 94 3.48 17.10 1.80
CA GLY A 94 4.77 16.66 2.32
C GLY A 94 5.26 17.44 3.52
N GLU A 95 4.67 18.59 3.81
CA GLU A 95 5.05 19.38 4.99
C GLU A 95 3.99 19.31 6.09
N GLY A 96 3.01 18.41 5.98
CA GLY A 96 2.07 18.15 7.04
C GLY A 96 0.72 18.82 6.89
N ILE A 97 0.57 19.77 5.97
CA ILE A 97 -0.68 20.48 5.76
C ILE A 97 -1.23 20.09 4.39
N SER A 98 -2.42 19.48 4.38
CA SER A 98 -3.08 19.08 3.14
C SER A 98 -3.96 20.22 2.64
N PRO A 99 -3.91 20.56 1.36
CA PRO A 99 -4.79 21.59 0.84
C PRO A 99 -6.23 21.13 0.92
N PRO A 100 -7.20 22.04 0.83
CA PRO A 100 -8.60 21.63 0.84
C PRO A 100 -8.92 20.77 -0.37
N CYS A 101 -9.98 19.97 -0.24
CA CYS A 101 -10.45 19.21 -1.38
C CYS A 101 -10.85 20.15 -2.51
N THR A 102 -10.45 19.78 -3.72
CA THR A 102 -10.86 20.50 -4.92
C THR A 102 -11.60 19.51 -5.82
N THR A 103 -12.71 19.98 -6.39
CA THR A 103 -13.60 19.11 -7.17
C THR A 103 -13.53 19.40 -8.66
N SER A 104 -12.47 20.06 -9.12
CA SER A 104 -12.31 20.36 -10.54
C SER A 104 -10.83 20.25 -10.90
N GLY A 105 -10.57 20.04 -12.19
CA GLY A 105 -9.21 19.98 -12.70
C GLY A 105 -8.53 18.63 -12.60
N HIS A 106 -9.22 17.60 -12.13
CA HIS A 106 -8.63 16.29 -11.93
C HIS A 106 -9.15 15.30 -12.97
N THR A 107 -8.31 14.33 -13.31
CA THR A 107 -8.57 13.40 -14.41
C THR A 107 -8.50 11.97 -13.93
N VAL A 108 -9.50 11.16 -14.31
CA VAL A 108 -9.56 9.76 -13.90
C VAL A 108 -8.41 8.99 -14.53
N GLY A 109 -7.83 8.08 -13.77
CA GLY A 109 -6.77 7.23 -14.27
C GLY A 109 -7.03 5.76 -14.00
N ALA A 110 -8.03 5.48 -13.16
CA ALA A 110 -8.38 4.12 -12.79
C ALA A 110 -9.72 4.12 -12.08
N THR A 111 -10.45 3.02 -12.21
CA THR A 111 -11.69 2.81 -11.50
C THR A 111 -11.64 1.47 -10.78
N ILE A 112 -12.32 1.40 -9.63
CA ILE A 112 -12.47 0.17 -8.88
C ILE A 112 -13.95 -0.02 -8.54
N THR A 113 -14.36 -1.27 -8.43
CA THR A 113 -15.74 -1.58 -8.07
C THR A 113 -15.93 -1.85 -6.59
N GLY A 114 -14.90 -2.39 -5.94
CA GLY A 114 -15.00 -2.65 -4.52
C GLY A 114 -13.66 -3.01 -3.94
N HIS A 115 -13.69 -3.78 -2.85
CA HIS A 115 -12.47 -4.23 -2.21
C HIS A 115 -12.74 -5.55 -1.49
N VAL A 116 -11.69 -6.36 -1.38
CA VAL A 116 -11.73 -7.60 -0.62
C VAL A 116 -10.79 -7.42 0.57
N GLU A 117 -11.31 -7.70 1.76
CA GLU A 117 -10.48 -7.80 2.95
C GLU A 117 -10.05 -9.25 3.11
N LEU A 118 -8.82 -9.45 3.50
CA LEU A 118 -8.28 -10.80 3.45
C LEU A 118 -8.31 -11.46 4.83
N PRO A 119 -8.40 -12.78 4.88
CA PRO A 119 -8.43 -13.47 6.17
C PRO A 119 -7.18 -13.17 6.99
N GLN A 120 -7.37 -12.98 8.29
CA GLN A 120 -6.22 -12.79 9.17
C GLN A 120 -5.43 -14.10 9.26
N ASP A 121 -4.78 -14.45 8.16
CA ASP A 121 -4.07 -15.73 8.01
C ASP A 121 -2.96 -15.50 7.00
N GLU A 122 -1.71 -15.43 7.48
CA GLU A 122 -0.55 -15.19 6.62
C GLU A 122 -0.51 -16.16 5.45
N ALA A 123 -0.80 -17.44 5.72
CA ALA A 123 -0.74 -18.45 4.66
C ALA A 123 -1.76 -18.16 3.56
N GLN A 124 -2.99 -17.79 3.94
CA GLN A 124 -3.98 -17.44 2.93
C GLN A 124 -3.67 -16.10 2.28
N ILE A 125 -3.02 -15.18 3.01
CA ILE A 125 -2.58 -13.93 2.39
C ILE A 125 -1.55 -14.20 1.31
N ALA A 126 -0.57 -15.05 1.61
CA ALA A 126 0.42 -15.44 0.61
C ALA A 126 -0.25 -16.05 -0.62
N ALA A 127 -1.19 -16.98 -0.39
CA ALA A 127 -1.85 -17.66 -1.51
C ALA A 127 -2.62 -16.68 -2.39
N TRP A 128 -3.24 -15.68 -1.77
CA TRP A 128 -3.96 -14.66 -2.53
C TRP A 128 -2.98 -13.82 -3.34
N LEU A 129 -1.93 -13.30 -2.69
CA LEU A 129 -0.98 -12.42 -3.37
C LEU A 129 -0.30 -13.11 -4.55
N ALA A 130 -0.06 -14.43 -4.46
CA ALA A 130 0.63 -15.13 -5.53
C ALA A 130 -0.18 -15.14 -6.81
N VAL A 131 -1.50 -15.04 -6.71
CA VAL A 131 -2.39 -15.11 -7.85
C VAL A 131 -2.90 -13.74 -8.26
N ASN A 132 -3.29 -12.91 -7.28
CA ASN A 132 -4.02 -11.68 -7.56
C ASN A 132 -3.19 -10.42 -7.37
N GLY A 133 -1.93 -10.54 -6.95
CA GLY A 133 -1.04 -9.41 -6.95
C GLY A 133 -0.85 -8.80 -5.58
N PRO A 134 -0.14 -7.65 -5.54
CA PRO A 134 0.19 -7.02 -4.25
C PRO A 134 -0.99 -6.75 -3.33
N VAL A 135 -0.72 -6.62 -2.04
CA VAL A 135 -1.76 -6.47 -1.03
C VAL A 135 -1.46 -5.25 -0.17
N ALA A 136 -2.49 -4.44 0.08
CA ALA A 136 -2.40 -3.40 1.10
C ALA A 136 -2.50 -4.03 2.48
N VAL A 137 -1.54 -3.73 3.35
CA VAL A 137 -1.52 -4.28 4.70
C VAL A 137 -1.15 -3.21 5.70
N ALA A 138 -1.64 -3.37 6.93
CA ALA A 138 -1.24 -2.58 8.08
C ALA A 138 -0.21 -3.36 8.88
N VAL A 139 0.79 -2.66 9.44
CA VAL A 139 1.88 -3.29 10.17
C VAL A 139 2.21 -2.48 11.41
N ASP A 140 2.98 -3.11 12.30
CA ASP A 140 3.65 -2.40 13.39
C ASP A 140 5.03 -1.98 12.87
N ALA A 141 5.15 -0.72 12.47
CA ALA A 141 6.40 -0.22 11.90
C ALA A 141 7.22 0.58 12.91
N SER A 142 6.95 0.41 14.22
CA SER A 142 7.65 1.21 15.21
C SER A 142 9.16 0.95 15.18
N SER A 143 9.58 -0.27 14.89
CA SER A 143 10.99 -0.62 14.79
C SER A 143 11.63 -0.23 13.47
N TRP A 144 10.87 0.38 12.56
CA TRP A 144 11.30 0.50 11.17
C TRP A 144 12.18 1.72 10.89
N MET A 145 12.25 2.71 11.79
CA MET A 145 13.16 3.83 11.56
C MET A 145 14.61 3.33 11.52
N THR A 146 14.93 2.36 12.36
CA THR A 146 16.26 1.79 12.46
C THR A 146 16.52 0.70 11.43
N TYR A 147 15.55 0.40 10.56
CA TYR A 147 15.80 -0.57 9.51
C TYR A 147 16.84 -0.05 8.53
N THR A 148 17.77 -0.93 8.17
CA THR A 148 18.88 -0.58 7.28
C THR A 148 19.02 -1.52 6.10
N GLY A 149 18.40 -2.69 6.15
CA GLY A 149 18.56 -3.73 5.14
C GLY A 149 18.55 -5.08 5.83
N GLY A 150 18.26 -6.12 5.04
CA GLY A 150 18.21 -7.47 5.56
C GLY A 150 16.83 -7.90 5.96
N VAL A 151 16.72 -9.17 6.34
CA VAL A 151 15.46 -9.75 6.76
C VAL A 151 15.23 -9.38 8.22
N MET A 152 14.31 -8.45 8.47
CA MET A 152 14.02 -8.04 9.84
C MET A 152 13.30 -9.15 10.57
N THR A 153 13.95 -9.68 11.62
CA THR A 153 13.33 -10.64 12.53
C THR A 153 12.87 -9.98 13.82
N SER A 154 13.47 -8.85 14.18
CA SER A 154 13.08 -8.08 15.37
C SER A 154 12.05 -7.01 15.02
N CYS A 155 10.90 -7.45 14.54
CA CYS A 155 9.78 -6.52 14.40
C CYS A 155 9.01 -6.55 15.71
N VAL A 156 9.28 -5.58 16.58
CA VAL A 156 8.46 -5.42 17.77
C VAL A 156 7.02 -5.23 17.32
N SER A 157 6.15 -6.16 17.72
CA SER A 157 4.81 -6.29 17.14
C SER A 157 3.79 -6.14 18.26
N GLU A 158 3.57 -4.90 18.71
CA GLU A 158 2.58 -4.62 19.74
C GLU A 158 1.38 -3.83 19.25
N GLN A 159 1.51 -3.07 18.17
CA GLN A 159 0.43 -2.16 17.77
C GLN A 159 0.55 -1.79 16.30
N LEU A 160 -0.57 -1.84 15.59
CA LEU A 160 -0.60 -1.39 14.20
C LEU A 160 -0.50 0.14 14.16
N ASP A 161 0.37 0.65 13.30
CA ASP A 161 0.49 2.10 13.15
C ASP A 161 0.80 2.55 11.73
N HIS A 162 0.99 1.66 10.77
CA HIS A 162 1.53 2.03 9.47
C HIS A 162 0.77 1.29 8.37
N GLY A 163 0.71 1.93 7.20
CA GLY A 163 0.13 1.31 6.00
C GLY A 163 1.13 1.16 4.89
N VAL A 164 1.26 -0.05 4.35
CA VAL A 164 2.28 -0.39 3.36
C VAL A 164 1.68 -1.32 2.32
N LEU A 165 2.53 -1.76 1.38
CA LEU A 165 2.12 -2.56 0.24
C LEU A 165 2.92 -3.85 0.19
N LEU A 166 2.24 -4.98 0.40
CA LEU A 166 2.86 -6.31 0.27
C LEU A 166 2.99 -6.63 -1.21
N VAL A 167 4.23 -6.72 -1.73
CA VAL A 167 4.45 -6.99 -3.14
C VAL A 167 4.92 -8.41 -3.44
N GLY A 168 5.35 -9.18 -2.45
CA GLY A 168 5.77 -10.54 -2.75
C GLY A 168 6.29 -11.27 -1.52
N TYR A 169 6.91 -12.41 -1.78
CA TYR A 169 7.48 -13.26 -0.74
C TYR A 169 8.53 -14.18 -1.36
N ASN A 170 9.32 -14.83 -0.49
CA ASN A 170 10.40 -15.71 -0.92
C ASN A 170 10.49 -16.85 0.10
N ASP A 171 9.92 -18.00 -0.23
CA ASP A 171 9.93 -19.13 0.68
C ASP A 171 11.22 -19.94 0.61
N SER A 172 12.01 -19.76 -0.45
CA SER A 172 13.21 -20.58 -0.63
C SER A 172 14.38 -20.14 0.24
N ALA A 173 14.35 -18.92 0.76
CA ALA A 173 15.47 -18.42 1.54
C ALA A 173 15.61 -19.16 2.86
N ALA A 174 16.78 -19.03 3.49
CA ALA A 174 17.02 -19.67 4.77
C ALA A 174 16.00 -19.21 5.80
N VAL A 175 15.70 -17.92 5.84
CA VAL A 175 14.60 -17.38 6.60
C VAL A 175 13.60 -16.77 5.62
N PRO A 176 12.48 -17.46 5.38
CA PRO A 176 11.48 -16.93 4.43
C PRO A 176 10.99 -15.55 4.86
N TYR A 177 10.64 -14.74 3.87
CA TYR A 177 10.38 -13.34 4.15
C TYR A 177 9.33 -12.76 3.21
N TRP A 178 8.64 -11.73 3.68
CA TRP A 178 7.79 -10.89 2.87
C TRP A 178 8.62 -9.78 2.23
N ILE A 179 8.09 -9.22 1.14
CA ILE A 179 8.69 -8.04 0.49
C ILE A 179 7.64 -6.94 0.50
N ILE A 180 7.99 -5.80 1.10
CA ILE A 180 7.05 -4.72 1.37
C ILE A 180 7.56 -3.43 0.75
N LYS A 181 6.68 -2.77 -0.03
CA LYS A 181 6.97 -1.45 -0.57
C LYS A 181 6.56 -0.41 0.45
N ASN A 182 7.52 0.44 0.84
CA ASN A 182 7.25 1.55 1.74
C ASN A 182 7.10 2.86 0.96
N SER A 183 6.69 3.91 1.66
CA SER A 183 6.45 5.21 1.05
C SER A 183 7.35 6.27 1.66
N TRP A 184 8.60 5.90 1.95
CA TRP A 184 9.56 6.76 2.64
C TRP A 184 10.78 7.06 1.78
N THR A 185 10.58 7.14 0.45
CA THR A 185 11.63 7.29 -0.57
C THR A 185 12.57 6.08 -0.65
N THR A 186 13.35 6.01 -1.74
CA THR A 186 14.27 4.89 -1.93
C THR A 186 15.52 4.99 -1.07
N GLN A 187 15.75 6.13 -0.42
CA GLN A 187 16.92 6.23 0.46
C GLN A 187 16.70 5.50 1.79
N TRP A 188 15.48 5.10 2.09
CA TRP A 188 15.22 4.29 3.27
C TRP A 188 15.22 2.81 2.89
N GLY A 189 15.79 2.00 3.78
CA GLY A 189 15.74 0.55 3.60
C GLY A 189 16.44 0.09 2.34
N GLU A 190 15.87 -0.94 1.71
CA GLU A 190 16.44 -1.57 0.53
C GLU A 190 15.83 -0.93 -0.71
N GLU A 191 16.39 0.23 -1.08
CA GLU A 191 15.83 1.10 -2.13
C GLU A 191 14.32 1.28 -1.94
N GLY A 192 13.93 1.62 -0.71
CA GLY A 192 12.55 1.92 -0.40
C GLY A 192 11.71 0.73 0.01
N TYR A 193 12.24 -0.49 -0.05
CA TYR A 193 11.53 -1.70 0.34
C TYR A 193 12.08 -2.24 1.66
N ILE A 194 11.36 -3.20 2.24
CA ILE A 194 11.80 -3.85 3.47
C ILE A 194 11.40 -5.31 3.44
N ARG A 195 12.22 -6.15 4.04
CA ARG A 195 11.95 -7.58 4.17
C ARG A 195 11.71 -7.93 5.62
N ILE A 196 10.58 -8.55 5.91
CA ILE A 196 10.28 -9.04 7.25
C ILE A 196 10.05 -10.53 7.18
N ALA A 197 10.34 -11.22 8.28
CA ALA A 197 10.23 -12.68 8.31
C ALA A 197 8.80 -13.13 8.14
N LYS A 198 8.62 -14.24 7.41
CA LYS A 198 7.30 -14.72 7.01
C LYS A 198 6.96 -15.99 7.80
N GLY A 199 5.77 -16.00 8.42
CA GLY A 199 5.28 -17.18 9.09
C GLY A 199 5.09 -17.06 10.58
N SER A 200 5.46 -15.93 11.20
CA SER A 200 5.25 -15.73 12.63
C SER A 200 4.48 -14.45 12.93
N ASN A 201 3.71 -13.94 11.97
CA ASN A 201 2.94 -12.70 12.14
C ASN A 201 3.85 -11.55 12.58
N GLN A 202 4.96 -11.40 11.89
CA GLN A 202 5.87 -10.30 12.16
C GLN A 202 5.19 -8.97 11.81
N CYS A 203 5.38 -7.97 12.67
CA CYS A 203 4.76 -6.65 12.52
C CYS A 203 3.23 -6.74 12.48
N LEU A 204 2.66 -7.86 12.89
CA LEU A 204 1.21 -8.08 12.83
C LEU A 204 0.71 -7.92 11.40
N VAL A 205 1.46 -8.46 10.44
CA VAL A 205 1.15 -8.23 9.03
C VAL A 205 -0.15 -8.93 8.61
N LYS A 206 -0.63 -9.88 9.39
CA LYS A 206 -1.84 -10.62 9.04
C LYS A 206 -3.13 -9.87 9.35
N GLU A 207 -3.06 -8.84 10.21
CA GLU A 207 -4.26 -8.41 10.94
C GLU A 207 -5.22 -7.60 10.08
N GLU A 208 -4.72 -6.78 9.14
CA GLU A 208 -5.61 -5.98 8.30
C GLU A 208 -5.06 -5.89 6.87
N ALA A 209 -5.11 -7.01 6.16
CA ALA A 209 -4.73 -7.07 4.76
C ALA A 209 -5.97 -7.00 3.87
N SER A 210 -5.85 -6.25 2.77
CA SER A 210 -6.98 -6.06 1.87
C SER A 210 -6.46 -5.62 0.52
N SER A 211 -7.37 -5.55 -0.45
CA SER A 211 -7.02 -5.14 -1.80
C SER A 211 -8.26 -4.63 -2.51
N ALA A 212 -8.06 -3.61 -3.34
CA ALA A 212 -9.11 -3.16 -4.24
C ALA A 212 -9.48 -4.26 -5.23
N VAL A 213 -10.64 -4.10 -5.87
CA VAL A 213 -11.08 -5.02 -6.90
C VAL A 213 -11.47 -4.20 -8.12
N VAL A 214 -10.85 -4.50 -9.26
CA VAL A 214 -11.18 -3.87 -10.53
C VAL A 214 -12.13 -4.80 -11.26
N GLY A 215 -13.37 -4.33 -11.46
CA GLY A 215 -14.39 -5.13 -12.12
C GLY A 215 -14.09 -5.44 -13.57
#